data_5A4X
#
_entry.id   5A4X
#
_cell.length_a   35.121
_cell.length_b   88.645
_cell.length_c   110.090
_cell.angle_alpha   90.00
_cell.angle_beta   90.00
_cell.angle_gamma   90.00
#
_symmetry.space_group_name_H-M   'P 21 21 21'
#
loop_
_entity.id
_entity.type
_entity.pdbx_description
1 polymer AT3G17980
2 polymer AT3G17980
3 non-polymer 'CALCIUM ION'
4 non-polymer 'ZINC ION'
5 water water
#
loop_
_entity_poly.entity_id
_entity_poly.type
_entity_poly.pdbx_seq_one_letter_code
_entity_poly.pdbx_strand_id
1 'polypeptide(L)'
;MTTACPARTSSLMDDLLGLLRIRIKRGVNLAVRDISSSDPYVVVKMGKQKLKTRVINKDVNPEWNEDLTLSVTDSNLTVL
LTVYDHDMFSKDDKMGDAEFEISPYIEALRMQLDGLPSGTIVTTVKPSRRNCLAEESRVTWVDGKLVQDLVLRLRHVECG
EVEAQLQWIDLPGSKGL
;
A
2 'polypeptide(L)'
;MTTACPARTSSLMDDLLGLLRIRIKRGVNLAVRDISSSDPYVVVKMGSQKLKTRVINKDVNPEWNEDLTLSVTDSNLTVL
LTVYDHDMFSKDDKMGDAEFEIKPYIEALRMQLGGLPSGTIVTTVKPSRRNCLAEESRVTWVDGKLVQDLVLRLRHVECG
EVEAQLQWIDLPGSSGL
;
B
#
loop_
_chem_comp.id
_chem_comp.type
_chem_comp.name
_chem_comp.formula
CA non-polymer 'CALCIUM ION' 'Ca 2'
ZN non-polymer 'ZINC ION' 'Zn 2'
#
# COMPACT_ATOMS: atom_id res chain seq x y z
N ASP A 15 3.00 19.13 -12.94
CA ASP A 15 3.84 18.36 -13.85
C ASP A 15 3.72 16.87 -13.55
N LEU A 16 2.93 16.55 -12.54
CA LEU A 16 2.92 15.21 -11.99
C LEU A 16 2.34 14.20 -12.97
N LEU A 17 3.03 13.09 -13.10
CA LEU A 17 2.60 12.01 -13.98
C LEU A 17 1.77 11.01 -13.17
N GLY A 18 2.08 10.95 -11.88
CA GLY A 18 1.47 9.96 -11.01
C GLY A 18 2.37 9.70 -9.82
N LEU A 19 2.03 8.66 -9.05
CA LEU A 19 2.78 8.31 -7.87
C LEU A 19 3.27 6.88 -7.94
N LEU A 20 4.53 6.68 -7.56
CA LEU A 20 5.12 5.35 -7.56
C LEU A 20 5.14 4.84 -6.13
N ARG A 21 4.51 3.69 -5.92
CA ARG A 21 4.60 3.00 -4.65
C ARG A 21 5.80 2.08 -4.69
N ILE A 22 6.74 2.30 -3.79
CA ILE A 22 7.82 1.35 -3.66
C ILE A 22 7.57 0.57 -2.41
N ARG A 23 7.16 -0.69 -2.56
CA ARG A 23 6.96 -1.51 -1.38
C ARG A 23 8.29 -2.14 -1.00
N ILE A 24 8.83 -1.72 0.14
CA ILE A 24 10.06 -2.31 0.63
C ILE A 24 9.70 -3.54 1.43
N LYS A 25 9.97 -4.70 0.86
CA LYS A 25 9.48 -5.95 1.48
C LYS A 25 10.40 -6.37 2.62
N ARG A 26 11.66 -6.64 2.30
CA ARG A 26 12.57 -7.15 3.30
C ARG A 26 14.04 -7.02 2.89
N GLY A 27 14.92 -7.13 3.88
CA GLY A 27 16.35 -7.27 3.64
C GLY A 27 16.78 -8.71 3.88
N VAL A 28 17.73 -9.19 3.09
CA VAL A 28 18.24 -10.57 3.25
C VAL A 28 19.74 -10.62 3.56
N ASN A 29 20.07 -11.16 4.73
CA ASN A 29 21.45 -11.29 5.17
C ASN A 29 22.19 -9.96 5.13
N LEU A 30 21.66 -8.98 5.87
CA LEU A 30 22.23 -7.64 5.85
C LEU A 30 23.50 -7.59 6.70
N ALA A 31 24.35 -6.60 6.41
CA ALA A 31 25.62 -6.47 7.13
C ALA A 31 25.38 -6.24 8.63
N VAL A 32 26.30 -6.75 9.45
CA VAL A 32 26.24 -6.58 10.90
C VAL A 32 27.02 -5.33 11.21
N ARG A 33 26.34 -4.35 11.84
CA ARG A 33 27.00 -3.07 12.11
C ARG A 33 26.97 -2.72 13.59
N ASP A 34 26.39 -3.60 14.39
CA ASP A 34 26.61 -3.55 15.84
C ASP A 34 27.62 -4.64 16.25
N ILE A 35 27.33 -5.38 17.31
CA ILE A 35 28.17 -6.50 17.69
C ILE A 35 27.85 -7.72 16.86
N SER A 36 26.57 -8.09 16.89
CA SER A 36 26.12 -9.38 16.38
C SER A 36 24.92 -9.24 15.44
N SER A 37 24.35 -8.04 15.40
CA SER A 37 23.20 -7.78 14.55
C SER A 37 23.25 -6.34 14.08
N SER A 38 22.12 -5.88 13.56
CA SER A 38 21.97 -4.50 13.10
C SER A 38 20.55 -3.99 13.33
N ASP A 39 20.36 -2.68 13.18
CA ASP A 39 19.01 -2.08 13.29
C ASP A 39 18.68 -1.33 12.01
N PRO A 40 18.42 -2.07 10.92
CA PRO A 40 18.37 -1.47 9.58
C PRO A 40 17.10 -0.71 9.30
N TYR A 41 17.24 0.41 8.58
CA TYR A 41 16.10 1.08 7.95
C TYR A 41 16.57 1.47 6.57
N VAL A 42 15.63 1.63 5.64
CA VAL A 42 15.98 1.98 4.29
C VAL A 42 15.68 3.43 4.00
N VAL A 43 16.57 4.06 3.24
CA VAL A 43 16.39 5.43 2.82
C VAL A 43 16.34 5.47 1.31
N VAL A 44 15.28 6.07 0.77
CA VAL A 44 15.07 6.12 -0.67
C VAL A 44 15.06 7.57 -1.14
N LYS A 45 15.84 7.84 -2.18
CA LYS A 45 15.96 9.18 -2.74
C LYS A 45 15.60 9.14 -4.22
N MET A 46 14.90 10.17 -4.68
CA MET A 46 14.64 10.38 -6.11
C MET A 46 14.31 11.85 -6.33
N GLY A 47 14.98 12.48 -7.30
CA GLY A 47 14.92 13.92 -7.42
C GLY A 47 15.31 14.53 -6.08
N LYS A 48 14.47 15.43 -5.56
CA LYS A 48 14.70 16.07 -4.27
C LYS A 48 14.00 15.32 -3.17
N GLN A 49 13.27 14.28 -3.53
CA GLN A 49 12.47 13.52 -2.58
C GLN A 49 13.32 12.55 -1.78
N LYS A 50 13.02 12.42 -0.49
CA LYS A 50 13.79 11.58 0.42
C LYS A 50 12.84 10.92 1.41
N LEU A 51 12.72 9.58 1.33
CA LEU A 51 11.79 8.82 2.16
C LEU A 51 12.52 7.71 2.91
N LYS A 52 12.01 7.31 4.08
CA LYS A 52 12.65 6.24 4.84
C LYS A 52 11.63 5.31 5.48
N THR A 53 11.98 4.01 5.57
CA THR A 53 11.17 3.07 6.32
C THR A 53 11.39 3.27 7.81
N ARG A 54 10.63 2.55 8.61
CA ARG A 54 10.95 2.47 10.03
C ARG A 54 12.21 1.63 10.23
N VAL A 55 12.77 1.78 11.42
CA VAL A 55 13.83 0.93 11.90
C VAL A 55 13.28 -0.41 12.37
N ILE A 56 13.92 -1.50 11.98
CA ILE A 56 13.62 -2.78 12.61
C ILE A 56 14.78 -3.15 13.55
N ASN A 57 14.44 -3.48 14.80
CA ASN A 57 15.45 -3.70 15.84
C ASN A 57 16.11 -5.06 15.76
N LYS A 58 17.44 -5.06 15.72
CA LYS A 58 18.22 -6.30 15.87
C LYS A 58 17.75 -7.41 14.92
N ASP A 59 17.93 -7.20 13.62
CA ASP A 59 17.44 -8.19 12.66
C ASP A 59 18.10 -7.97 11.31
N VAL A 60 18.98 -8.88 10.89
CA VAL A 60 19.65 -8.75 9.59
C VAL A 60 18.82 -9.29 8.44
N ASN A 61 17.64 -9.82 8.75
CA ASN A 61 16.66 -10.16 7.72
C ASN A 61 15.34 -9.46 8.01
N PRO A 62 15.37 -8.12 8.14
CA PRO A 62 14.17 -7.39 8.51
C PRO A 62 13.10 -7.52 7.43
N GLU A 63 11.87 -7.73 7.87
CA GLU A 63 10.69 -7.77 7.01
C GLU A 63 9.92 -6.46 7.18
N TRP A 64 10.25 -5.45 6.38
CA TRP A 64 9.63 -4.15 6.54
C TRP A 64 8.20 -4.17 6.08
N ASN A 65 7.94 -4.84 4.95
CA ASN A 65 6.60 -4.79 4.33
C ASN A 65 6.03 -3.39 4.47
N GLU A 66 6.70 -2.42 3.86
CA GLU A 66 6.35 -1.03 4.07
C GLU A 66 6.38 -0.27 2.77
N ASP A 67 5.42 0.63 2.59
CA ASP A 67 5.28 1.39 1.36
C ASP A 67 5.87 2.77 1.47
N LEU A 68 6.62 3.14 0.44
CA LEU A 68 7.10 4.51 0.31
C LEU A 68 6.46 5.05 -0.96
N THR A 69 6.04 6.31 -0.94
CA THR A 69 5.35 6.86 -2.09
C THR A 69 6.08 8.08 -2.62
N LEU A 70 6.45 8.01 -3.90
CA LEU A 70 7.16 9.11 -4.54
C LEU A 70 6.27 9.77 -5.59
N SER A 71 6.37 11.09 -5.69
CA SER A 71 5.76 11.81 -6.81
C SER A 71 6.67 11.64 -8.01
N VAL A 72 6.10 11.40 -9.20
CA VAL A 72 6.93 11.21 -10.39
C VAL A 72 6.62 12.25 -11.47
N THR A 73 7.64 12.97 -11.89
CA THR A 73 7.50 13.93 -12.99
C THR A 73 8.29 13.50 -14.22
N ASP A 74 9.01 12.39 -14.11
CA ASP A 74 10.02 12.06 -15.09
C ASP A 74 10.05 10.57 -15.38
N SER A 75 10.10 10.21 -16.65
CA SER A 75 10.28 8.81 -17.01
C SER A 75 11.75 8.42 -16.86
N ASN A 76 12.64 9.39 -17.08
CA ASN A 76 14.08 9.16 -17.15
C ASN A 76 14.81 9.09 -15.79
N LEU A 77 14.05 9.09 -14.70
CA LEU A 77 14.63 9.14 -13.35
C LEU A 77 15.14 7.80 -12.82
N THR A 78 16.06 7.89 -11.86
CA THR A 78 16.67 6.74 -11.19
C THR A 78 16.32 6.79 -9.69
N VAL A 79 16.12 5.64 -9.07
CA VAL A 79 15.88 5.63 -7.63
C VAL A 79 17.12 5.15 -6.90
N LEU A 80 17.51 5.83 -5.83
CA LEU A 80 18.65 5.39 -5.02
C LEU A 80 18.14 4.87 -3.68
N LEU A 81 18.65 3.71 -3.28
CA LEU A 81 18.25 3.07 -2.03
C LEU A 81 19.49 2.84 -1.18
N THR A 82 19.45 3.33 0.06
CA THR A 82 20.57 3.13 0.97
C THR A 82 20.06 2.52 2.27
N VAL A 83 20.81 1.54 2.77
CA VAL A 83 20.46 0.92 4.04
C VAL A 83 21.42 1.42 5.10
N TYR A 84 20.87 1.76 6.26
CA TYR A 84 21.69 2.20 7.39
C TYR A 84 21.32 1.40 8.62
N ASP A 85 22.25 1.35 9.55
CA ASP A 85 22.00 0.74 10.84
C ASP A 85 21.84 1.84 11.89
N HIS A 86 20.64 1.92 12.46
CA HIS A 86 20.30 2.96 13.42
C HIS A 86 21.00 2.74 14.75
N ASP A 87 21.83 3.69 15.16
CA ASP A 87 22.36 3.69 16.53
C ASP A 87 21.76 4.88 17.26
N MET A 88 20.92 4.59 18.25
CA MET A 88 20.16 5.63 18.91
C MET A 88 21.08 6.73 19.40
N PHE A 89 22.15 6.36 20.11
CA PHE A 89 22.98 7.37 20.76
C PHE A 89 24.29 7.65 20.03
N SER A 90 24.34 7.30 18.76
CA SER A 90 25.55 7.58 17.99
C SER A 90 25.29 7.78 16.51
N LYS A 91 26.32 7.61 15.70
CA LYS A 91 26.19 7.72 14.26
C LYS A 91 25.60 6.43 13.68
N ASP A 92 24.91 6.53 12.55
CA ASP A 92 24.36 5.36 11.90
C ASP A 92 25.31 4.86 10.81
N ASP A 93 25.70 3.59 10.87
CA ASP A 93 26.66 3.05 9.88
C ASP A 93 26.00 2.68 8.54
N LYS A 94 26.74 2.80 7.44
CA LYS A 94 26.22 2.42 6.14
C LYS A 94 26.09 0.89 6.04
N MET A 95 25.04 0.40 5.38
CA MET A 95 24.86 -1.04 5.19
C MET A 95 24.73 -1.42 3.72
N GLY A 96 25.17 -0.52 2.84
CA GLY A 96 25.11 -0.77 1.41
C GLY A 96 24.04 0.06 0.71
N ASP A 97 24.11 0.11 -0.62
CA ASP A 97 23.19 0.93 -1.39
C ASP A 97 23.03 0.29 -2.75
N ALA A 98 21.95 0.66 -3.43
CA ALA A 98 21.69 0.20 -4.78
C ALA A 98 20.82 1.23 -5.47
N GLU A 99 20.82 1.19 -6.79
CA GLU A 99 19.89 2.02 -7.54
C GLU A 99 19.13 1.17 -8.56
N PHE A 100 18.05 1.74 -9.12
CA PHE A 100 17.32 1.07 -10.20
C PHE A 100 16.58 2.09 -11.08
N GLU A 101 16.30 1.70 -12.32
CA GLU A 101 15.55 2.52 -13.28
C GLU A 101 14.05 2.26 -13.17
N ILE A 102 13.25 3.31 -13.30
CA ILE A 102 11.79 3.15 -13.31
C ILE A 102 11.22 3.24 -14.73
N SER A 103 12.03 3.72 -15.66
CA SER A 103 11.57 3.92 -17.03
C SER A 103 10.95 2.67 -17.63
N PRO A 104 11.61 1.52 -17.46
CA PRO A 104 11.00 0.31 -18.03
C PRO A 104 9.62 0.03 -17.43
N TYR A 105 9.46 0.25 -16.13
CA TYR A 105 8.15 0.12 -15.51
C TYR A 105 7.21 1.14 -16.15
N ILE A 106 7.60 2.40 -16.15
CA ILE A 106 6.78 3.47 -16.70
C ILE A 106 6.35 3.26 -18.16
N GLU A 107 7.26 2.74 -18.97
CA GLU A 107 6.96 2.55 -20.39
C GLU A 107 5.97 1.41 -20.54
N ALA A 108 6.00 0.51 -19.57
CA ALA A 108 5.07 -0.62 -19.59
C ALA A 108 3.70 -0.21 -19.08
N LEU A 109 3.63 0.93 -18.40
CA LEU A 109 2.34 1.43 -17.93
C LEU A 109 1.60 2.07 -19.09
N ARG A 110 2.34 2.73 -19.96
CA ARG A 110 1.81 3.43 -21.12
C ARG A 110 1.40 2.42 -22.17
N MET A 111 1.63 1.16 -21.85
CA MET A 111 1.31 0.05 -22.73
C MET A 111 -0.21 -0.03 -22.97
N GLN A 112 -0.58 -0.76 -24.01
CA GLN A 112 -1.97 -1.18 -24.18
C GLN A 112 -2.06 -2.54 -23.51
N LEU A 113 -2.19 -2.52 -22.19
CA LEU A 113 -2.07 -3.73 -21.38
C LEU A 113 -3.41 -4.36 -21.01
N ASP A 114 -4.45 -3.53 -20.91
CA ASP A 114 -5.70 -3.95 -20.27
C ASP A 114 -6.39 -5.17 -20.88
N GLY A 115 -6.60 -6.19 -20.05
CA GLY A 115 -7.29 -7.39 -20.48
C GLY A 115 -6.38 -8.58 -20.78
N LEU A 116 -5.13 -8.50 -20.35
CA LEU A 116 -4.20 -9.62 -20.50
C LEU A 116 -4.35 -10.56 -19.30
N PRO A 117 -4.24 -11.87 -19.56
CA PRO A 117 -4.33 -12.90 -18.51
C PRO A 117 -3.46 -12.54 -17.30
N SER A 118 -3.98 -12.76 -16.09
CA SER A 118 -3.23 -12.46 -14.88
C SER A 118 -2.05 -13.44 -14.73
N GLY A 119 -0.86 -12.88 -14.48
CA GLY A 119 0.36 -13.66 -14.46
C GLY A 119 1.23 -13.28 -15.66
N THR A 120 0.62 -12.54 -16.60
CA THR A 120 1.27 -12.20 -17.86
C THR A 120 2.55 -11.37 -17.67
N ILE A 121 3.65 -11.88 -18.21
CA ILE A 121 4.95 -11.22 -18.09
C ILE A 121 5.21 -10.29 -19.27
N VAL A 122 5.44 -9.02 -18.96
CA VAL A 122 5.33 -7.98 -19.96
C VAL A 122 6.68 -7.44 -20.44
N THR A 123 7.53 -7.04 -19.49
CA THR A 123 8.90 -6.67 -19.80
C THR A 123 9.77 -7.33 -18.74
N THR A 124 10.99 -7.67 -19.13
CA THR A 124 11.93 -8.26 -18.20
C THR A 124 13.23 -7.47 -18.21
N VAL A 125 13.72 -7.12 -17.03
CA VAL A 125 14.99 -6.39 -16.93
C VAL A 125 16.06 -7.34 -16.42
N LYS A 126 17.21 -7.35 -17.09
CA LYS A 126 18.24 -8.35 -16.86
C LYS A 126 19.38 -7.82 -16.00
N PRO A 127 19.89 -8.66 -15.10
CA PRO A 127 21.11 -8.33 -14.33
C PRO A 127 22.24 -7.97 -15.29
N SER A 128 22.89 -6.84 -15.03
CA SER A 128 24.01 -6.39 -15.84
C SER A 128 25.09 -5.91 -14.89
N ARG A 129 26.30 -5.71 -15.42
CA ARG A 129 27.39 -5.16 -14.63
C ARG A 129 27.06 -3.74 -14.20
N ARG A 130 26.09 -3.12 -14.88
CA ARG A 130 25.78 -1.72 -14.63
C ARG A 130 24.62 -1.53 -13.66
N ASN A 131 23.74 -2.52 -13.53
CA ASN A 131 22.62 -2.39 -12.59
C ASN A 131 22.80 -3.21 -11.30
N CYS A 132 21.82 -3.13 -10.41
CA CYS A 132 21.95 -3.73 -9.10
C CYS A 132 21.05 -4.94 -8.93
N LEU A 133 20.55 -5.48 -10.02
CA LEU A 133 19.68 -6.64 -9.92
C LEU A 133 20.43 -7.93 -9.62
N ALA A 134 20.00 -8.64 -8.58
CA ALA A 134 20.60 -9.94 -8.26
C ALA A 134 20.04 -11.04 -9.20
N GLU A 135 18.87 -10.78 -9.78
CA GLU A 135 18.21 -11.70 -10.72
C GLU A 135 17.34 -10.89 -11.65
N GLU A 136 16.95 -11.46 -12.78
CA GLU A 136 16.10 -10.71 -13.71
C GLU A 136 14.79 -10.24 -13.07
N SER A 137 14.38 -9.03 -13.41
CA SER A 137 13.24 -8.38 -12.78
C SER A 137 12.01 -8.44 -13.69
N ARG A 138 11.02 -9.23 -13.30
CA ARG A 138 9.82 -9.37 -14.11
C ARG A 138 8.82 -8.25 -13.84
N VAL A 139 8.44 -7.54 -14.90
CA VAL A 139 7.30 -6.61 -14.87
C VAL A 139 6.03 -7.37 -15.23
N THR A 140 5.19 -7.62 -14.23
CA THR A 140 4.07 -8.55 -14.39
C THR A 140 2.70 -7.88 -14.33
N TRP A 141 1.75 -8.44 -15.09
CA TRP A 141 0.36 -8.00 -15.07
C TRP A 141 -0.47 -9.00 -14.25
N VAL A 142 -0.66 -8.70 -12.96
CA VAL A 142 -1.45 -9.57 -12.09
C VAL A 142 -2.63 -8.82 -11.49
N ASP A 143 -3.75 -9.52 -11.33
CA ASP A 143 -4.92 -8.97 -10.63
C ASP A 143 -5.22 -7.54 -11.07
N GLY A 144 -5.18 -7.31 -12.37
CA GLY A 144 -5.59 -6.02 -12.93
C GLY A 144 -4.62 -4.86 -12.74
N LYS A 145 -3.44 -5.14 -12.20
CA LYS A 145 -2.43 -4.11 -11.96
C LYS A 145 -1.08 -4.47 -12.56
N LEU A 146 -0.37 -3.48 -13.09
CA LEU A 146 1.01 -3.70 -13.52
C LEU A 146 1.98 -3.57 -12.35
N VAL A 147 2.83 -4.59 -12.19
CA VAL A 147 3.74 -4.67 -11.04
C VAL A 147 5.19 -5.00 -11.46
N GLN A 148 6.17 -4.43 -10.75
CA GLN A 148 7.55 -4.85 -10.95
C GLN A 148 8.19 -5.34 -9.66
N ASP A 149 8.71 -6.55 -9.69
CA ASP A 149 9.39 -7.07 -8.51
C ASP A 149 10.90 -6.99 -8.71
N LEU A 150 11.62 -6.60 -7.66
CA LEU A 150 13.05 -6.42 -7.77
C LEU A 150 13.73 -7.09 -6.59
N VAL A 151 14.86 -7.72 -6.88
CA VAL A 151 15.81 -8.11 -5.83
C VAL A 151 17.09 -7.29 -6.08
N LEU A 152 17.44 -6.42 -5.15
CA LEU A 152 18.57 -5.55 -5.39
C LEU A 152 19.77 -6.03 -4.58
N ARG A 153 20.90 -6.24 -5.25
CA ARG A 153 22.10 -6.64 -4.51
C ARG A 153 22.75 -5.36 -4.03
N LEU A 154 22.97 -5.26 -2.72
CA LEU A 154 23.53 -4.04 -2.17
C LEU A 154 24.98 -3.86 -2.61
N ARG A 155 25.32 -2.65 -3.06
CA ARG A 155 26.72 -2.33 -3.36
C ARG A 155 27.44 -1.80 -2.12
N HIS A 156 28.77 -1.87 -2.12
CA HIS A 156 29.58 -1.19 -1.10
C HIS A 156 29.42 -1.79 0.29
N VAL A 157 29.24 -3.08 0.34
CA VAL A 157 29.02 -3.74 1.61
C VAL A 157 29.38 -5.21 1.41
N GLU A 158 29.63 -5.92 2.51
CA GLU A 158 30.16 -7.27 2.41
C GLU A 158 29.07 -8.33 2.18
N CYS A 159 27.81 -7.90 2.30
CA CYS A 159 26.67 -8.79 2.09
C CYS A 159 25.38 -7.99 2.19
N GLY A 160 24.30 -8.57 1.68
CA GLY A 160 22.98 -7.99 1.85
C GLY A 160 22.22 -7.85 0.55
N GLU A 161 20.92 -8.16 0.60
CA GLU A 161 20.01 -7.94 -0.51
C GLU A 161 18.74 -7.26 0.00
N VAL A 162 18.07 -6.51 -0.88
CA VAL A 162 16.78 -5.93 -0.54
C VAL A 162 15.74 -6.30 -1.60
N GLU A 163 14.61 -6.85 -1.14
CA GLU A 163 13.51 -7.19 -2.04
C GLU A 163 12.45 -6.10 -2.07
N ALA A 164 12.18 -5.56 -3.25
CA ALA A 164 11.18 -4.49 -3.38
C ALA A 164 10.19 -4.81 -4.50
N GLN A 165 9.07 -4.11 -4.50
CA GLN A 165 8.09 -4.25 -5.56
C GLN A 165 7.51 -2.89 -5.88
N LEU A 166 7.46 -2.57 -7.18
CA LEU A 166 6.87 -1.31 -7.62
C LEU A 166 5.37 -1.47 -7.95
N GLN A 167 4.58 -0.50 -7.52
CA GLN A 167 3.16 -0.41 -7.87
C GLN A 167 2.89 1.02 -8.29
N TRP A 168 1.84 1.23 -9.09
CA TRP A 168 1.53 2.57 -9.59
C TRP A 168 0.20 3.10 -9.03
N ILE A 169 0.20 4.38 -8.64
CA ILE A 169 -1.00 5.05 -8.14
C ILE A 169 -1.36 6.21 -9.06
N ASP A 170 -2.55 6.18 -9.64
CA ASP A 170 -3.02 7.30 -10.46
C ASP A 170 -3.50 8.43 -9.54
N LEU A 171 -3.26 9.68 -9.96
CA LEU A 171 -3.55 10.83 -9.11
C LEU A 171 -4.38 11.85 -9.87
N PRO A 172 -5.70 11.87 -9.61
CA PRO A 172 -6.68 12.60 -10.43
C PRO A 172 -6.59 14.10 -10.23
N ASP B 15 -3.58 22.04 -2.25
CA ASP B 15 -4.95 21.82 -1.80
C ASP B 15 -5.11 20.48 -1.04
N LEU B 16 -4.11 19.62 -1.19
CA LEU B 16 -4.20 18.23 -0.74
C LEU B 16 -3.59 17.99 0.64
N LEU B 17 -4.27 17.19 1.46
CA LEU B 17 -3.82 16.93 2.82
C LEU B 17 -2.90 15.72 2.87
N GLY B 18 -3.10 14.82 1.93
CA GLY B 18 -2.46 13.53 1.94
C GLY B 18 -3.35 12.57 1.19
N LEU B 19 -3.03 11.29 1.29
CA LEU B 19 -3.80 10.30 0.59
C LEU B 19 -4.17 9.23 1.60
N LEU B 20 -5.36 8.69 1.44
CA LEU B 20 -5.83 7.62 2.30
C LEU B 20 -5.66 6.31 1.56
N ARG B 21 -5.01 5.34 2.19
CA ARG B 21 -4.90 4.01 1.63
C ARG B 21 -5.96 3.17 2.30
N ILE B 22 -6.96 2.77 1.53
CA ILE B 22 -7.99 1.89 2.03
C ILE B 22 -7.63 0.49 1.59
N ARG B 23 -7.10 -0.30 2.52
CA ARG B 23 -6.89 -1.69 2.22
C ARG B 23 -8.22 -2.41 2.39
N ILE B 24 -8.77 -2.90 1.29
CA ILE B 24 -9.97 -3.74 1.34
C ILE B 24 -9.48 -5.16 1.58
N LYS B 25 -9.75 -5.67 2.78
CA LYS B 25 -9.21 -6.98 3.19
C LYS B 25 -10.08 -8.09 2.67
N ARG B 26 -11.35 -8.07 3.05
CA ARG B 26 -12.23 -9.15 2.62
C ARG B 26 -13.69 -8.84 2.89
N GLY B 27 -14.54 -9.63 2.26
CA GLY B 27 -15.97 -9.59 2.56
C GLY B 27 -16.32 -10.89 3.27
N VAL B 28 -17.27 -10.83 4.20
CA VAL B 28 -17.70 -12.01 4.95
C VAL B 28 -19.19 -12.26 4.80
N ASN B 29 -19.54 -13.47 4.39
CA ASN B 29 -20.92 -13.89 4.20
C ASN B 29 -21.72 -12.94 3.33
N LEU B 30 -21.19 -12.64 2.14
CA LEU B 30 -21.83 -11.70 1.25
C LEU B 30 -23.06 -12.32 0.56
N ALA B 31 -23.94 -11.44 0.08
CA ALA B 31 -25.22 -11.83 -0.49
C ALA B 31 -25.01 -12.63 -1.77
N VAL B 32 -25.90 -13.60 -2.00
CA VAL B 32 -25.86 -14.38 -3.20
C VAL B 32 -26.66 -13.66 -4.27
N ARG B 33 -26.01 -13.39 -5.39
CA ARG B 33 -26.65 -12.67 -6.47
C ARG B 33 -26.50 -13.42 -7.82
N ASP B 34 -25.97 -14.65 -7.75
CA ASP B 34 -25.74 -15.51 -8.92
C ASP B 34 -26.17 -16.96 -8.76
N ILE B 35 -27.41 -17.23 -8.39
CA ILE B 35 -27.78 -18.62 -8.07
C ILE B 35 -27.14 -19.14 -6.78
N SER B 36 -25.93 -19.68 -6.87
CA SER B 36 -25.30 -20.34 -5.73
C SER B 36 -24.20 -19.49 -5.10
N SER B 37 -23.84 -18.40 -5.76
CA SER B 37 -22.70 -17.60 -5.34
C SER B 37 -22.80 -16.17 -5.92
N SER B 38 -21.71 -15.41 -5.81
CA SER B 38 -21.62 -14.07 -6.39
C SER B 38 -20.20 -13.81 -6.90
N ASP B 39 -20.00 -12.80 -7.75
CA ASP B 39 -18.65 -12.42 -8.18
C ASP B 39 -18.33 -11.00 -7.74
N PRO B 40 -18.02 -10.80 -6.45
CA PRO B 40 -18.08 -9.44 -5.89
C PRO B 40 -16.84 -8.59 -6.11
N TYR B 41 -17.06 -7.29 -6.26
CA TYR B 41 -15.99 -6.29 -6.22
C TYR B 41 -16.47 -5.10 -5.39
N VAL B 42 -15.55 -4.40 -4.75
CA VAL B 42 -15.92 -3.26 -3.94
C VAL B 42 -15.68 -1.97 -4.74
N VAL B 43 -16.58 -1.00 -4.58
CA VAL B 43 -16.40 0.33 -5.16
C VAL B 43 -16.46 1.31 -4.01
N VAL B 44 -15.54 2.26 -4.02
CA VAL B 44 -15.39 3.21 -2.96
C VAL B 44 -15.47 4.59 -3.58
N LYS B 45 -16.04 5.54 -2.84
CA LYS B 45 -16.15 6.91 -3.33
C LYS B 45 -15.94 7.92 -2.21
N MET B 46 -15.03 8.87 -2.46
CA MET B 46 -14.79 10.00 -1.57
C MET B 46 -14.74 11.23 -2.44
N GLY B 47 -15.66 12.17 -2.21
CA GLY B 47 -15.80 13.29 -3.13
C GLY B 47 -16.19 12.77 -4.50
N SER B 48 -15.46 13.16 -5.54
CA SER B 48 -15.77 12.70 -6.89
C SER B 48 -14.84 11.59 -7.38
N GLN B 49 -13.95 11.10 -6.52
CA GLN B 49 -13.08 9.99 -6.90
C GLN B 49 -13.72 8.65 -6.59
N LYS B 50 -13.73 7.77 -7.59
CA LYS B 50 -14.25 6.40 -7.42
C LYS B 50 -13.17 5.40 -7.78
N LEU B 51 -12.95 4.44 -6.89
CA LEU B 51 -12.02 3.36 -7.14
C LEU B 51 -12.74 2.04 -6.83
N LYS B 52 -12.33 0.95 -7.47
CA LYS B 52 -12.95 -0.33 -7.22
C LYS B 52 -11.89 -1.41 -7.14
N THR B 53 -12.16 -2.47 -6.38
CA THR B 53 -11.25 -3.62 -6.36
C THR B 53 -11.39 -4.41 -7.65
N ARG B 54 -10.57 -5.45 -7.78
CA ARG B 54 -10.80 -6.43 -8.81
C ARG B 54 -12.02 -7.30 -8.47
N VAL B 55 -12.49 -8.06 -9.45
CA VAL B 55 -13.57 -9.01 -9.24
C VAL B 55 -13.01 -10.33 -8.73
N ILE B 56 -13.60 -10.87 -7.66
CA ILE B 56 -13.24 -12.23 -7.26
C ILE B 56 -14.37 -13.16 -7.65
N ASN B 57 -14.06 -14.24 -8.36
CA ASN B 57 -15.10 -15.11 -8.93
C ASN B 57 -15.75 -16.15 -7.99
N LYS B 58 -17.08 -16.15 -7.94
CA LYS B 58 -17.84 -17.17 -7.21
C LYS B 58 -17.33 -17.39 -5.79
N ASP B 59 -17.37 -16.35 -4.96
CA ASP B 59 -16.90 -16.45 -3.59
C ASP B 59 -17.60 -15.37 -2.78
N VAL B 60 -18.45 -15.79 -1.84
CA VAL B 60 -19.12 -14.83 -0.96
C VAL B 60 -18.26 -14.49 0.25
N ASN B 61 -17.06 -15.07 0.33
CA ASN B 61 -16.11 -14.64 1.35
C ASN B 61 -14.77 -14.25 0.73
N PRO B 62 -14.82 -13.31 -0.23
CA PRO B 62 -13.65 -12.96 -1.06
C PRO B 62 -12.59 -12.30 -0.22
N GLU B 63 -11.34 -12.71 -0.41
CA GLU B 63 -10.20 -11.99 0.15
C GLU B 63 -9.59 -11.13 -0.95
N TRP B 64 -9.96 -9.86 -0.99
CA TRP B 64 -9.38 -8.95 -1.97
C TRP B 64 -7.95 -8.56 -1.61
N ASN B 65 -7.72 -8.15 -0.36
CA ASN B 65 -6.39 -7.68 0.04
C ASN B 65 -5.82 -6.76 -1.02
N GLU B 66 -6.52 -5.65 -1.22
CA GLU B 66 -6.24 -4.78 -2.33
C GLU B 66 -6.33 -3.35 -1.85
N ASP B 67 -5.38 -2.53 -2.31
CA ASP B 67 -5.30 -1.17 -1.84
C ASP B 67 -5.94 -0.19 -2.82
N LEU B 68 -6.85 0.63 -2.29
CA LEU B 68 -7.42 1.74 -3.06
C LEU B 68 -6.98 3.03 -2.39
N THR B 69 -6.34 3.90 -3.16
CA THR B 69 -5.74 5.11 -2.61
C THR B 69 -6.48 6.36 -3.09
N LEU B 70 -7.03 7.12 -2.15
CA LEU B 70 -7.80 8.31 -2.48
C LEU B 70 -7.12 9.61 -2.03
N SER B 71 -7.20 10.63 -2.88
CA SER B 71 -6.78 11.98 -2.51
C SER B 71 -7.68 12.51 -1.41
N VAL B 72 -7.07 13.11 -0.39
CA VAL B 72 -7.84 13.69 0.70
C VAL B 72 -7.69 15.21 0.73
N THR B 73 -8.82 15.90 0.63
CA THR B 73 -8.79 17.35 0.71
C THR B 73 -9.50 17.83 1.96
N ASP B 74 -10.17 16.90 2.66
CA ASP B 74 -10.93 17.25 3.85
C ASP B 74 -10.79 16.25 4.99
N SER B 75 -10.30 16.74 6.13
CA SER B 75 -10.40 15.98 7.37
C SER B 75 -11.84 15.54 7.55
N ASN B 76 -12.75 16.31 6.97
CA ASN B 76 -14.18 16.18 7.25
C ASN B 76 -14.96 15.48 6.13
N LEU B 77 -14.31 14.57 5.42
CA LEU B 77 -14.99 13.86 4.35
C LEU B 77 -15.53 12.48 4.74
N THR B 78 -16.50 12.01 3.95
CA THR B 78 -17.07 10.69 4.12
C THR B 78 -16.65 9.79 2.97
N VAL B 79 -16.26 8.56 3.27
CA VAL B 79 -16.05 7.57 2.22
C VAL B 79 -17.30 6.71 2.08
N LEU B 80 -17.82 6.62 0.87
CA LEU B 80 -18.91 5.69 0.62
C LEU B 80 -18.33 4.37 0.11
N LEU B 81 -19.01 3.27 0.40
CA LEU B 81 -18.56 1.97 -0.05
C LEU B 81 -19.77 1.12 -0.47
N THR B 82 -19.60 0.33 -1.53
CA THR B 82 -20.64 -0.56 -2.01
C THR B 82 -19.97 -1.79 -2.62
N VAL B 83 -20.72 -2.90 -2.65
CA VAL B 83 -20.23 -4.13 -3.19
C VAL B 83 -21.18 -4.50 -4.31
N TYR B 84 -20.63 -4.90 -5.45
CA TYR B 84 -21.46 -5.32 -6.56
C TYR B 84 -21.06 -6.72 -6.97
N ASP B 85 -22.03 -7.43 -7.53
CA ASP B 85 -21.78 -8.75 -8.06
C ASP B 85 -21.64 -8.60 -9.59
N HIS B 86 -20.42 -8.83 -10.12
CA HIS B 86 -20.19 -8.64 -11.56
C HIS B 86 -20.87 -9.72 -12.37
N ASP B 87 -21.75 -9.32 -13.27
CA ASP B 87 -22.31 -10.26 -14.23
C ASP B 87 -21.72 -10.03 -15.61
N MET B 88 -21.29 -11.11 -16.24
CA MET B 88 -20.54 -11.02 -17.47
C MET B 88 -21.40 -10.37 -18.55
N PHE B 89 -22.65 -10.80 -18.66
CA PHE B 89 -23.47 -10.38 -19.78
C PHE B 89 -24.68 -9.56 -19.37
N SER B 90 -24.66 -9.07 -18.15
CA SER B 90 -25.82 -8.38 -17.61
C SER B 90 -25.36 -7.19 -16.75
N LYS B 91 -26.28 -6.29 -16.40
CA LYS B 91 -26.01 -5.32 -15.34
C LYS B 91 -25.53 -6.07 -14.07
N ASP B 92 -24.59 -5.47 -13.33
CA ASP B 92 -24.11 -6.06 -12.08
C ASP B 92 -25.17 -5.94 -10.97
N ASP B 93 -25.22 -6.92 -10.07
CA ASP B 93 -26.25 -6.92 -9.02
C ASP B 93 -25.75 -6.23 -7.76
N LYS B 94 -26.66 -5.62 -7.00
CA LYS B 94 -26.28 -4.94 -5.75
C LYS B 94 -25.99 -5.95 -4.63
N MET B 95 -24.95 -5.70 -3.85
CA MET B 95 -24.60 -6.55 -2.72
C MET B 95 -24.50 -5.79 -1.38
N GLY B 96 -24.85 -4.52 -1.44
CA GLY B 96 -24.98 -3.71 -0.22
C GLY B 96 -24.08 -2.49 -0.25
N ASP B 97 -24.27 -1.62 0.73
CA ASP B 97 -23.51 -0.38 0.82
C ASP B 97 -23.28 0.03 2.28
N ALA B 98 -22.23 0.81 2.50
CA ALA B 98 -21.89 1.33 3.81
C ALA B 98 -21.13 2.62 3.62
N GLU B 99 -20.59 3.15 4.70
CA GLU B 99 -19.86 4.41 4.68
C GLU B 99 -19.20 4.63 6.04
N PHE B 100 -18.22 5.53 6.08
CA PHE B 100 -17.54 5.80 7.33
C PHE B 100 -16.83 7.14 7.29
N GLU B 101 -16.65 7.73 8.48
CA GLU B 101 -16.01 9.04 8.63
C GLU B 101 -14.54 8.83 8.96
N ILE B 102 -13.68 9.69 8.40
CA ILE B 102 -12.24 9.57 8.60
C ILE B 102 -11.69 10.61 9.57
N LYS B 103 -12.51 11.59 9.93
CA LYS B 103 -12.09 12.66 10.85
C LYS B 103 -11.47 12.11 12.13
N PRO B 104 -12.14 11.13 12.77
CA PRO B 104 -11.53 10.61 14.00
C PRO B 104 -10.11 10.08 13.74
N TYR B 105 -9.90 9.43 12.60
CA TYR B 105 -8.60 8.90 12.24
C TYR B 105 -7.60 10.06 12.02
N ILE B 106 -8.01 11.01 11.20
CA ILE B 106 -7.21 12.18 10.93
C ILE B 106 -6.80 12.91 12.21
N GLU B 107 -7.74 13.12 13.13
CA GLU B 107 -7.40 13.74 14.40
C GLU B 107 -6.34 12.94 15.16
N ALA B 108 -6.49 11.63 15.18
CA ALA B 108 -5.53 10.76 15.85
C ALA B 108 -4.16 10.80 15.18
N LEU B 109 -4.14 11.02 13.86
CA LEU B 109 -2.89 11.11 13.13
C LEU B 109 -2.05 12.28 13.64
N ARG B 110 -2.73 13.33 14.09
CA ARG B 110 -2.08 14.52 14.65
C ARG B 110 -1.68 14.31 16.11
N MET B 111 -0.97 13.22 16.36
CA MET B 111 -0.52 12.86 17.69
C MET B 111 0.97 12.57 17.61
N GLN B 112 1.65 12.61 18.74
CA GLN B 112 3.06 12.22 18.76
C GLN B 112 3.19 10.87 19.45
N LEU B 113 3.39 9.81 18.67
CA LEU B 113 3.31 8.46 19.23
C LEU B 113 4.66 7.76 19.27
N GLY B 114 5.70 8.44 18.80
CA GLY B 114 7.05 7.95 18.97
C GLY B 114 7.24 7.47 20.40
N GLY B 115 7.73 6.25 20.56
CA GLY B 115 7.87 5.67 21.89
C GLY B 115 6.90 4.53 22.16
N LEU B 116 5.60 4.83 22.02
CA LEU B 116 4.53 3.84 22.22
C LEU B 116 4.84 2.49 21.61
N PRO B 117 4.65 1.42 22.39
CA PRO B 117 4.86 0.04 21.93
C PRO B 117 3.93 -0.30 20.75
N SER B 118 4.43 -1.13 19.82
CA SER B 118 3.60 -1.64 18.74
C SER B 118 2.39 -2.36 19.33
N GLY B 119 1.21 -2.13 18.77
CA GLY B 119 0.00 -2.76 19.26
C GLY B 119 -0.81 -1.90 20.23
N THR B 120 -0.32 -0.69 20.51
CA THR B 120 -1.02 0.20 21.44
C THR B 120 -2.25 0.87 20.81
N ILE B 121 -3.41 0.63 21.41
CA ILE B 121 -4.64 1.29 20.97
C ILE B 121 -4.65 2.76 21.39
N VAL B 122 -4.93 3.63 20.42
CA VAL B 122 -4.88 5.07 20.63
C VAL B 122 -6.27 5.70 20.76
N THR B 123 -7.24 5.08 20.11
CA THR B 123 -8.62 5.59 20.05
C THR B 123 -9.58 4.52 19.55
N THR B 124 -10.87 4.77 19.74
CA THR B 124 -11.92 3.85 19.37
C THR B 124 -13.11 4.61 18.76
N VAL B 125 -13.72 4.05 17.72
CA VAL B 125 -15.03 4.51 17.25
C VAL B 125 -16.08 3.45 17.59
N LYS B 126 -17.17 3.85 18.25
CA LYS B 126 -18.19 2.89 18.68
C LYS B 126 -19.28 2.71 17.64
N PRO B 127 -19.77 1.47 17.47
CA PRO B 127 -20.92 1.25 16.59
C PRO B 127 -22.07 2.07 17.10
N SER B 128 -22.88 2.59 16.20
CA SER B 128 -24.02 3.42 16.56
C SER B 128 -25.18 3.11 15.61
N ARG B 129 -26.34 3.69 15.87
CA ARG B 129 -27.48 3.48 14.98
C ARG B 129 -27.20 4.16 13.64
N ARG B 130 -26.41 5.23 13.71
CA ARG B 130 -26.10 6.05 12.54
C ARG B 130 -25.02 5.44 11.64
N ASN B 131 -23.97 4.90 12.24
CA ASN B 131 -22.80 4.44 11.47
C ASN B 131 -22.86 2.97 11.05
N CYS B 132 -21.84 2.53 10.31
CA CYS B 132 -21.89 1.22 9.68
C CYS B 132 -20.94 0.19 10.31
N LEU B 133 -20.48 0.48 11.52
CA LEU B 133 -19.55 -0.43 12.19
C LEU B 133 -20.20 -1.66 12.84
N ALA B 134 -19.69 -2.84 12.50
CA ALA B 134 -20.15 -4.09 13.10
C ALA B 134 -19.59 -4.30 14.51
N GLU B 135 -18.52 -3.57 14.84
CA GLU B 135 -17.88 -3.66 16.15
C GLU B 135 -17.07 -2.39 16.32
N GLU B 136 -16.73 -2.00 17.54
CA GLU B 136 -15.96 -0.76 17.71
C GLU B 136 -14.64 -0.81 16.96
N SER B 137 -14.23 0.33 16.42
CA SER B 137 -13.13 0.38 15.45
C SER B 137 -11.87 0.99 16.05
N ARG B 138 -10.83 0.17 16.17
CA ARG B 138 -9.58 0.62 16.80
C ARG B 138 -8.65 1.38 15.87
N VAL B 139 -8.25 2.56 16.32
CA VAL B 139 -7.07 3.21 15.76
C VAL B 139 -5.85 2.81 16.61
N THR B 140 -4.89 2.19 15.92
CA THR B 140 -3.84 1.43 16.57
C THR B 140 -2.49 1.82 16.01
N TRP B 141 -1.52 1.97 16.91
CA TRP B 141 -0.12 2.17 16.53
C TRP B 141 0.46 0.77 16.25
N VAL B 142 0.73 0.48 14.98
CA VAL B 142 1.31 -0.82 14.61
C VAL B 142 2.46 -0.67 13.61
N ASP B 143 3.56 -1.37 13.86
CA ASP B 143 4.71 -1.32 12.96
C ASP B 143 5.03 0.15 12.66
N GLY B 144 5.08 0.95 13.74
CA GLY B 144 5.39 2.37 13.63
C GLY B 144 4.48 3.18 12.73
N LYS B 145 3.22 2.75 12.59
CA LYS B 145 2.23 3.51 11.84
C LYS B 145 0.85 3.47 12.53
N LEU B 146 0.13 4.59 12.47
CA LEU B 146 -1.23 4.67 13.03
C LEU B 146 -2.22 4.11 12.01
N VAL B 147 -2.98 3.11 12.45
CA VAL B 147 -3.83 2.35 11.54
C VAL B 147 -5.26 2.28 12.10
N GLN B 148 -6.27 2.23 11.24
CA GLN B 148 -7.64 2.02 11.70
C GLN B 148 -8.26 0.78 11.07
N ASP B 149 -8.64 -0.17 11.93
CA ASP B 149 -9.31 -1.39 11.47
C ASP B 149 -10.82 -1.25 11.59
N LEU B 150 -11.51 -1.50 10.48
CA LEU B 150 -12.95 -1.34 10.41
C LEU B 150 -13.59 -2.63 9.96
N VAL B 151 -14.73 -2.95 10.56
CA VAL B 151 -15.61 -3.99 10.02
C VAL B 151 -16.90 -3.28 9.64
N LEU B 152 -17.25 -3.33 8.37
CA LEU B 152 -18.43 -2.59 7.91
C LEU B 152 -19.61 -3.52 7.67
N ARG B 153 -20.69 -3.30 8.41
CA ARG B 153 -21.93 -4.04 8.16
C ARG B 153 -22.59 -3.39 6.94
N LEU B 154 -22.90 -4.19 5.93
CA LEU B 154 -23.50 -3.63 4.74
C LEU B 154 -24.98 -3.33 4.97
N ARG B 155 -25.42 -2.15 4.53
CA ARG B 155 -26.82 -1.77 4.61
C ARG B 155 -27.59 -2.22 3.35
N HIS B 156 -28.91 -2.23 3.44
CA HIS B 156 -29.76 -2.47 2.29
C HIS B 156 -29.47 -3.81 1.64
N VAL B 157 -29.10 -4.78 2.45
CA VAL B 157 -28.82 -6.12 1.93
C VAL B 157 -29.09 -7.11 3.07
N GLU B 158 -29.32 -8.38 2.74
CA GLU B 158 -29.76 -9.33 3.75
C GLU B 158 -28.62 -9.90 4.56
N CYS B 159 -27.39 -9.69 4.10
CA CYS B 159 -26.23 -10.16 4.83
C CYS B 159 -24.96 -9.57 4.22
N GLY B 160 -23.86 -9.65 4.96
CA GLY B 160 -22.57 -9.27 4.45
C GLY B 160 -21.84 -8.24 5.29
N GLU B 161 -20.55 -8.49 5.49
CA GLU B 161 -19.65 -7.47 6.04
C GLU B 161 -18.44 -7.32 5.09
N VAL B 162 -17.77 -6.18 5.20
CA VAL B 162 -16.53 -5.91 4.48
C VAL B 162 -15.49 -5.46 5.51
N GLU B 163 -14.33 -6.11 5.52
CA GLU B 163 -13.28 -5.78 6.48
C GLU B 163 -12.24 -4.89 5.80
N ALA B 164 -11.94 -3.75 6.40
CA ALA B 164 -11.00 -2.81 5.80
C ALA B 164 -10.03 -2.24 6.83
N GLN B 165 -8.95 -1.64 6.34
CA GLN B 165 -7.99 -0.98 7.21
C GLN B 165 -7.48 0.30 6.54
N LEU B 166 -7.55 1.39 7.31
CA LEU B 166 -7.12 2.69 6.82
C LEU B 166 -5.64 2.95 7.15
N GLN B 167 -4.94 3.55 6.20
CA GLN B 167 -3.54 3.89 6.38
C GLN B 167 -3.35 5.26 5.75
N TRP B 168 -2.48 6.06 6.35
CA TRP B 168 -2.31 7.41 5.85
C TRP B 168 -1.06 7.51 5.00
N ILE B 169 -1.14 8.31 3.94
CA ILE B 169 0.01 8.55 3.08
C ILE B 169 0.30 10.03 3.00
N ASP B 170 1.49 10.41 3.45
CA ASP B 170 1.94 11.79 3.39
C ASP B 170 2.78 12.05 2.14
N LEU B 171 2.34 13.00 1.30
CA LEU B 171 3.14 13.42 0.15
C LEU B 171 3.84 14.76 0.41
N PRO B 172 5.16 14.82 0.15
CA PRO B 172 6.02 15.96 0.51
C PRO B 172 5.61 17.28 -0.15
N GLY B 173 5.23 17.22 -1.42
CA GLY B 173 4.68 18.39 -2.08
C GLY B 173 3.18 18.45 -1.84
N SER B 174 2.78 19.02 -0.70
CA SER B 174 1.36 19.10 -0.32
C SER B 174 1.11 20.22 0.67
N SER B 175 0.02 20.11 1.43
CA SER B 175 -0.28 21.02 2.53
C SER B 175 -0.09 20.31 3.88
N GLY B 176 -0.56 19.06 3.94
CA GLY B 176 -0.32 18.21 5.10
C GLY B 176 -1.36 18.27 6.20
N LEU B 177 -1.07 17.55 7.28
CA LEU B 177 -1.89 17.61 8.49
C LEU B 177 -1.41 18.73 9.41
CA CA C . 22.38 -0.25 15.83
CA CA D . 26.07 0.45 14.75
CA CA E . -22.20 -12.64 -11.21
CA CA F . -25.84 -11.80 -10.77
ZN ZN G . -19.10 -5.79 -13.90
#